data_4NHM
#
_entry.id   4NHM
#
_cell.length_a   169.419
_cell.length_b   67.564
_cell.length_c   71.495
_cell.angle_alpha   90.00
_cell.angle_beta   105.31
_cell.angle_gamma   90.00
#
_symmetry.space_group_name_H-M   'C 1 2 1'
#
loop_
_entity.id
_entity.type
_entity.pdbx_description
1 polymer 'PKHD-type hydroxylase TPA1'
2 non-polymer N-[(1-CHLORO-4-HYDROXYISOQUINOLIN-3-YL)CARBONYL]GLYCINE
3 non-polymer 'MANGANESE (II) ION'
4 non-polymer GLYCEROL
5 water water
#
_entity_poly.entity_id   1
_entity_poly.type   'polypeptide(L)'
_entity_poly.pdbx_seq_one_letter_code
;MHHHHHHSSGVDLGTENLYFQSMLEEDKIKGMFNPKIWDKTFQDGLKKEIEDSQPYNWGTIHELVNDDLLRAVRKEIETE
IHFTKKETDIYRVNQSGDLANLSGLDWDDLSRLPNLFKLRQILYSKQYRDFFGYVTKAGKLSGSKTDMSINTYTKGCHLL
THDDVIGSRRISFILYLPDPDRKWKSHYGGGLRLFPSILPNVPHSDPSAKLVPQFNQIAFFKVLPGFSFHDVEEVKVDKH
RLSIQGWYHIPQVGEEGYIPGEEEAWVRNNTSTLAQIESNVLEDFEFPKDERNILSFHEVKHFEKMLKGDAGAKTDNTPK
ESMTSVISDSVKLSEAEFTYLSQYISPEHLSSKGIEKLQKQFVENSSLQIESFLNDDKSELLKKVIKQKELEQECPYHSK
DVKAPWKTAIPPHKARYLYIDGKEYRNFQTEADILEALNNNDLPNFQFTKDAIKIISDASGNSRENNFDAELALIDLAVF
HKSTIFKKYLALLTSLCPVSEQILIRRFRPGMDFTLATKCRFNELLKSNPDIIDAVLEGTLCLTPSAGWESGELGGYELY
MMDDDEDNKQYLKEDVEDASVYRADDSGDSVLINDPPAWNTFNLVLRDESVLEFVKYVSWSAKSSRWDVKMKWDVKSCDE
DGQEDEA
;
_entity_poly.pdbx_strand_id   A
#
# COMPACT_ATOMS: atom_id res chain seq x y z
N GLU A 26 7.81 -20.65 -39.42
CA GLU A 26 8.58 -19.80 -40.33
C GLU A 26 10.07 -19.96 -40.11
N ASP A 27 10.82 -19.85 -41.19
CA ASP A 27 12.28 -19.92 -41.13
C ASP A 27 12.89 -18.64 -40.54
N LYS A 28 12.12 -17.56 -40.54
CA LYS A 28 12.63 -16.23 -40.21
C LYS A 28 12.48 -15.84 -38.73
N ILE A 29 11.82 -16.68 -37.93
CA ILE A 29 11.55 -16.34 -36.53
C ILE A 29 12.85 -16.19 -35.73
N LYS A 30 13.75 -17.15 -35.80
CA LYS A 30 14.99 -17.06 -35.04
C LYS A 30 15.80 -15.79 -35.35
N GLY A 31 15.80 -15.39 -36.62
CA GLY A 31 16.52 -14.19 -37.05
C GLY A 31 15.93 -12.87 -36.56
N MET A 32 14.74 -12.92 -35.98
CA MET A 32 14.11 -11.72 -35.39
C MET A 32 14.56 -11.50 -33.94
N PHE A 33 15.36 -12.41 -33.43
CA PHE A 33 15.97 -12.27 -32.11
C PHE A 33 17.47 -12.04 -32.22
N ASN A 34 18.06 -11.52 -31.15
CA ASN A 34 19.49 -11.53 -30.96
C ASN A 34 20.02 -12.95 -31.11
N PRO A 35 20.99 -13.18 -32.01
CA PRO A 35 21.39 -14.57 -32.25
C PRO A 35 22.02 -15.24 -31.04
N LYS A 36 22.41 -14.49 -30.02
CA LYS A 36 23.00 -15.11 -28.82
C LYS A 36 22.04 -16.07 -28.13
N ILE A 37 20.74 -15.82 -28.19
CA ILE A 37 19.84 -16.66 -27.42
C ILE A 37 19.73 -18.06 -28.01
N TRP A 38 20.19 -18.27 -29.26
CA TRP A 38 20.18 -19.59 -29.87
C TRP A 38 21.47 -20.36 -29.62
N ASP A 39 22.46 -19.68 -29.06
CA ASP A 39 23.77 -20.27 -28.77
C ASP A 39 23.72 -21.12 -27.49
N LYS A 40 24.09 -22.39 -27.58
CA LYS A 40 24.00 -23.30 -26.41
C LYS A 40 24.75 -22.78 -25.18
N THR A 41 25.91 -22.19 -25.41
CA THR A 41 26.73 -21.69 -24.34
C THR A 41 26.03 -20.54 -23.61
N PHE A 42 25.39 -19.65 -24.37
CA PHE A 42 24.64 -18.56 -23.77
C PHE A 42 23.46 -19.11 -22.95
N GLN A 43 22.75 -20.07 -23.54
CA GLN A 43 21.57 -20.65 -22.90
C GLN A 43 21.92 -21.30 -21.57
N ASP A 44 22.98 -22.11 -21.56
CA ASP A 44 23.36 -22.84 -20.37
C ASP A 44 23.83 -21.89 -19.27
N GLY A 45 24.58 -20.85 -19.66
CA GLY A 45 25.02 -19.85 -18.72
C GLY A 45 23.86 -19.10 -18.10
N LEU A 46 22.84 -18.80 -18.91
CA LEU A 46 21.70 -18.04 -18.44
C LEU A 46 20.86 -18.91 -17.51
N LYS A 47 20.71 -20.19 -17.86
CA LYS A 47 19.98 -21.11 -17.00
C LYS A 47 20.60 -21.15 -15.59
N LYS A 48 21.92 -21.17 -15.55
CA LYS A 48 22.65 -21.19 -14.30
C LYS A 48 22.49 -19.87 -13.54
N GLU A 49 22.54 -18.75 -14.25
CA GLU A 49 22.39 -17.45 -13.63
C GLU A 49 20.99 -17.30 -13.00
N ILE A 50 19.97 -17.83 -13.65
CA ILE A 50 18.61 -17.76 -13.13
C ILE A 50 18.48 -18.67 -11.90
N GLU A 51 18.99 -19.88 -12.00
CA GLU A 51 19.08 -20.81 -10.89
C GLU A 51 19.66 -20.22 -9.61
N ASP A 52 20.73 -19.43 -9.78
CA ASP A 52 21.50 -18.93 -8.64
C ASP A 52 21.17 -17.46 -8.31
N SER A 53 20.09 -16.94 -8.88
CA SER A 53 19.75 -15.54 -8.66
C SER A 53 19.06 -15.31 -7.31
N GLN A 54 18.97 -14.03 -6.94
CA GLN A 54 18.38 -13.60 -5.68
C GLN A 54 17.44 -12.44 -5.97
N PRO A 55 16.36 -12.29 -5.18
CA PRO A 55 16.02 -13.03 -3.97
C PRO A 55 15.10 -14.22 -4.20
N TYR A 56 14.65 -14.38 -5.43
CA TYR A 56 13.98 -15.58 -5.90
C TYR A 56 14.42 -15.69 -7.37
N ASN A 57 14.14 -16.80 -8.04
CA ASN A 57 14.70 -17.01 -9.38
C ASN A 57 14.11 -16.05 -10.42
N TRP A 58 14.99 -15.27 -11.03
CA TRP A 58 14.61 -14.33 -12.08
C TRP A 58 15.79 -14.06 -12.96
N GLY A 59 15.55 -13.35 -14.06
CA GLY A 59 16.62 -12.98 -14.95
C GLY A 59 16.27 -11.86 -15.91
N THR A 60 17.27 -11.47 -16.68
CA THR A 60 17.15 -10.40 -17.64
C THR A 60 18.04 -10.67 -18.85
N ILE A 61 17.57 -10.24 -20.00
CA ILE A 61 18.29 -10.33 -21.25
C ILE A 61 18.26 -8.94 -21.86
N HIS A 62 19.45 -8.46 -22.24
CA HIS A 62 19.63 -7.22 -22.99
C HIS A 62 19.59 -7.44 -24.50
N GLU A 63 19.14 -6.41 -25.21
CA GLU A 63 19.04 -6.41 -26.66
C GLU A 63 18.33 -7.66 -27.19
N LEU A 64 17.14 -7.95 -26.69
CA LEU A 64 16.48 -9.23 -26.98
C LEU A 64 16.11 -9.39 -28.45
N VAL A 65 15.38 -8.40 -28.97
CA VAL A 65 14.71 -8.49 -30.25
C VAL A 65 15.49 -7.71 -31.30
N ASN A 66 15.29 -8.04 -32.57
CA ASN A 66 15.73 -7.19 -33.67
C ASN A 66 15.42 -5.71 -33.38
N ASP A 67 16.46 -4.87 -33.38
CA ASP A 67 16.30 -3.47 -33.00
C ASP A 67 15.33 -2.69 -33.91
N ASP A 68 15.35 -2.97 -35.22
CA ASP A 68 14.47 -2.28 -36.16
C ASP A 68 13.03 -2.68 -35.89
N LEU A 69 12.81 -3.97 -35.64
CA LEU A 69 11.48 -4.45 -35.30
C LEU A 69 10.98 -3.75 -34.04
N LEU A 70 11.78 -3.72 -32.99
CA LEU A 70 11.24 -3.17 -31.75
C LEU A 70 11.05 -1.65 -31.89
N ARG A 71 11.92 -1.00 -32.66
CA ARG A 71 11.75 0.42 -32.92
C ARG A 71 10.45 0.68 -33.65
N ALA A 72 10.11 -0.21 -34.57
CA ALA A 72 8.88 -0.08 -35.36
C ALA A 72 7.66 -0.31 -34.48
N VAL A 73 7.78 -1.23 -33.51
CA VAL A 73 6.70 -1.46 -32.57
C VAL A 73 6.44 -0.22 -31.69
N ARG A 74 7.51 0.38 -31.20
CA ARG A 74 7.36 1.59 -30.40
C ARG A 74 6.65 2.70 -31.19
N LYS A 75 7.03 2.90 -32.44
CA LYS A 75 6.37 3.90 -33.27
C LYS A 75 4.91 3.60 -33.49
N GLU A 76 4.56 2.34 -33.75
CA GLU A 76 3.16 1.96 -33.88
C GLU A 76 2.37 2.26 -32.59
N ILE A 77 2.96 1.93 -31.45
CA ILE A 77 2.27 2.16 -30.17
C ILE A 77 1.96 3.65 -29.99
N GLU A 78 2.98 4.48 -30.20
CA GLU A 78 2.84 5.92 -30.04
C GLU A 78 1.78 6.46 -30.98
N THR A 79 1.79 5.94 -32.20
CA THR A 79 0.88 6.37 -33.24
C THR A 79 -0.54 5.85 -33.06
N GLU A 80 -0.69 4.59 -32.64
CA GLU A 80 -1.99 3.92 -32.79
C GLU A 80 -2.72 3.64 -31.49
N ILE A 81 -2.01 3.68 -30.36
CA ILE A 81 -2.61 3.27 -29.09
C ILE A 81 -2.94 4.46 -28.22
N HIS A 82 -4.17 4.48 -27.74
CA HIS A 82 -4.61 5.50 -26.82
C HIS A 82 -4.54 4.94 -25.38
N PHE A 83 -3.82 5.65 -24.52
CA PHE A 83 -3.65 5.27 -23.12
C PHE A 83 -4.59 6.09 -22.25
N THR A 84 -5.06 5.48 -21.18
CA THR A 84 -6.04 6.09 -20.29
C THR A 84 -5.54 5.91 -18.86
N LYS A 85 -5.41 7.00 -18.11
CA LYS A 85 -4.96 6.90 -16.73
C LYS A 85 -5.97 6.11 -15.92
N LYS A 86 -5.50 5.15 -15.13
CA LYS A 86 -6.35 4.48 -14.18
C LYS A 86 -5.66 4.39 -12.81
N GLU A 87 -6.42 4.68 -11.77
CA GLU A 87 -5.89 4.62 -10.41
C GLU A 87 -6.76 3.77 -9.52
N THR A 88 -6.11 2.88 -8.79
CA THR A 88 -6.73 2.05 -7.77
C THR A 88 -5.91 2.17 -6.49
N ASP A 89 -6.27 1.42 -5.45
CA ASP A 89 -5.44 1.36 -4.26
C ASP A 89 -3.99 0.92 -4.57
N ILE A 90 -3.81 -0.07 -5.44
CA ILE A 90 -2.48 -0.63 -5.62
C ILE A 90 -1.67 0.00 -6.77
N TYR A 91 -2.29 0.79 -7.64
CA TYR A 91 -1.54 1.37 -8.77
C TYR A 91 -2.11 2.65 -9.30
N ARG A 92 -1.25 3.37 -10.01
CA ARG A 92 -1.68 4.39 -10.95
C ARG A 92 -0.87 4.14 -12.18
N VAL A 93 -1.60 3.92 -13.25
CA VAL A 93 -1.03 3.56 -14.55
CA VAL A 93 -1.03 3.55 -14.56
C VAL A 93 -1.80 4.04 -15.78
N ASN A 94 -1.10 4.25 -16.88
CA ASN A 94 -1.77 4.60 -18.12
C ASN A 94 -1.96 3.31 -18.90
N GLN A 95 -3.19 2.83 -18.96
CA GLN A 95 -3.48 1.53 -19.57
C GLN A 95 -4.11 1.69 -20.93
N SER A 96 -4.07 0.61 -21.70
CA SER A 96 -4.70 0.60 -23.02
C SER A 96 -5.64 -0.60 -23.16
N GLY A 97 -5.83 -1.35 -22.08
CA GLY A 97 -6.39 -2.69 -22.19
C GLY A 97 -7.82 -2.83 -21.76
N ASP A 98 -8.35 -1.80 -21.13
CA ASP A 98 -9.71 -1.81 -20.61
C ASP A 98 -10.70 -1.72 -21.76
N LEU A 99 -11.38 -2.83 -22.05
CA LEU A 99 -12.28 -2.88 -23.20
C LEU A 99 -13.64 -2.26 -22.85
N ALA A 100 -13.72 -1.65 -21.68
CA ALA A 100 -14.83 -0.76 -21.32
C ALA A 100 -14.58 0.66 -21.85
N ASN A 101 -13.39 0.87 -22.40
CA ASN A 101 -13.08 2.06 -23.16
C ASN A 101 -13.17 1.70 -24.65
N LEU A 102 -13.85 2.54 -25.42
CA LEU A 102 -13.83 2.43 -26.87
C LEU A 102 -12.37 2.42 -27.33
N SER A 103 -11.59 3.22 -26.61
CA SER A 103 -10.14 3.27 -26.65
C SER A 103 -9.40 1.96 -26.43
N GLY A 104 -10.04 1.01 -25.74
CA GLY A 104 -9.41 -0.24 -25.34
C GLY A 104 -8.75 -0.96 -26.51
N LEU A 105 -7.52 -1.44 -26.31
CA LEU A 105 -6.77 -2.18 -27.33
C LEU A 105 -7.33 -3.59 -27.50
N ASP A 106 -7.67 -3.92 -28.75
CA ASP A 106 -8.23 -5.21 -29.10
C ASP A 106 -7.14 -6.07 -29.73
N TRP A 107 -6.73 -7.13 -29.04
CA TRP A 107 -5.62 -7.96 -29.53
C TRP A 107 -6.07 -8.85 -30.68
N ASP A 108 -7.38 -8.89 -30.91
CA ASP A 108 -7.95 -9.61 -32.05
C ASP A 108 -7.94 -8.78 -33.30
N ASP A 109 -7.58 -7.49 -33.18
CA ASP A 109 -7.52 -6.60 -34.34
C ASP A 109 -6.27 -5.73 -34.30
N LEU A 110 -5.18 -6.26 -34.85
CA LEU A 110 -3.91 -5.53 -34.94
C LEU A 110 -3.58 -5.11 -36.38
N SER A 111 -4.61 -4.86 -37.18
CA SER A 111 -4.46 -4.54 -38.61
C SER A 111 -3.43 -3.45 -38.86
N ARG A 112 -3.43 -2.48 -37.97
CA ARG A 112 -2.55 -1.34 -38.07
C ARG A 112 -1.32 -1.41 -37.19
N LEU A 113 -1.14 -2.53 -36.51
CA LEU A 113 0.05 -2.74 -35.73
C LEU A 113 0.69 -4.04 -36.16
N PRO A 114 1.05 -4.13 -37.45
CA PRO A 114 1.68 -5.33 -38.03
C PRO A 114 2.96 -5.74 -37.32
N ASN A 115 3.78 -4.78 -36.91
CA ASN A 115 5.02 -5.11 -36.20
C ASN A 115 4.74 -5.63 -34.77
N LEU A 116 3.71 -5.10 -34.09
CA LEU A 116 3.28 -5.64 -32.81
C LEU A 116 2.76 -7.08 -32.98
N PHE A 117 1.99 -7.29 -34.04
CA PHE A 117 1.50 -8.63 -34.37
C PHE A 117 2.67 -9.59 -34.53
N LYS A 118 3.71 -9.16 -35.24
CA LYS A 118 4.93 -9.97 -35.45
C LYS A 118 5.69 -10.22 -34.13
N LEU A 119 5.72 -9.21 -33.27
CA LEU A 119 6.39 -9.37 -31.99
C LEU A 119 5.70 -10.43 -31.13
N ARG A 120 4.37 -10.39 -31.08
CA ARG A 120 3.64 -11.38 -30.32
C ARG A 120 3.91 -12.75 -30.93
N GLN A 121 3.91 -12.83 -32.25
CA GLN A 121 4.12 -14.10 -32.91
C GLN A 121 5.47 -14.72 -32.49
N ILE A 122 6.52 -13.92 -32.48
CA ILE A 122 7.84 -14.49 -32.21
C ILE A 122 8.01 -14.80 -30.72
N LEU A 123 7.43 -14.00 -29.84
CA LEU A 123 7.56 -14.26 -28.40
C LEU A 123 6.82 -15.51 -27.97
N TYR A 124 5.75 -15.87 -28.67
CA TYR A 124 4.99 -17.08 -28.33
C TYR A 124 5.28 -18.22 -29.31
N SER A 125 6.34 -18.07 -30.10
CA SER A 125 6.74 -19.13 -31.01
C SER A 125 7.29 -20.35 -30.25
N LYS A 126 7.18 -21.52 -30.87
CA LYS A 126 7.74 -22.74 -30.31
C LYS A 126 9.24 -22.59 -30.08
N GLN A 127 9.90 -21.95 -31.03
CA GLN A 127 11.35 -21.71 -30.94
C GLN A 127 11.73 -20.93 -29.69
N TYR A 128 11.07 -19.80 -29.46
CA TYR A 128 11.40 -18.97 -28.31
C TYR A 128 10.96 -19.65 -27.02
N ARG A 129 9.78 -20.27 -27.03
CA ARG A 129 9.29 -20.93 -25.82
C ARG A 129 10.19 -22.10 -25.39
N ASP A 130 10.78 -22.83 -26.34
CA ASP A 130 11.71 -23.90 -26.00
C ASP A 130 12.95 -23.32 -25.29
N PHE A 131 13.51 -22.23 -25.84
CA PHE A 131 14.62 -21.54 -25.18
C PHE A 131 14.21 -21.04 -23.80
N PHE A 132 13.11 -20.30 -23.74
CA PHE A 132 12.72 -19.61 -22.54
C PHE A 132 12.29 -20.54 -21.41
N GLY A 133 11.53 -21.58 -21.75
CA GLY A 133 11.14 -22.57 -20.77
C GLY A 133 12.34 -23.36 -20.27
N TYR A 134 13.34 -23.54 -21.12
CA TYR A 134 14.54 -24.23 -20.74
C TYR A 134 15.33 -23.42 -19.70
N VAL A 135 15.59 -22.14 -19.95
CA VAL A 135 16.46 -21.39 -19.05
C VAL A 135 15.77 -21.04 -17.72
N THR A 136 14.43 -20.91 -17.71
CA THR A 136 13.70 -20.64 -16.48
C THR A 136 13.26 -21.91 -15.75
N LYS A 137 13.54 -23.08 -16.33
CA LYS A 137 13.11 -24.37 -15.74
C LYS A 137 11.62 -24.38 -15.44
N ALA A 138 10.84 -23.82 -16.35
CA ALA A 138 9.41 -23.60 -16.11
C ALA A 138 8.52 -24.74 -16.57
N GLY A 139 9.06 -25.68 -17.33
CA GLY A 139 8.20 -26.68 -17.96
C GLY A 139 7.63 -26.12 -19.26
N LYS A 140 6.60 -26.78 -19.78
CA LYS A 140 5.98 -26.36 -21.05
C LYS A 140 5.21 -25.06 -20.87
N LEU A 141 5.19 -24.27 -21.94
CA LEU A 141 4.56 -22.97 -21.97
C LEU A 141 3.57 -22.95 -23.14
N SER A 142 2.41 -22.33 -22.92
CA SER A 142 1.42 -22.25 -23.98
C SER A 142 1.87 -21.29 -25.08
N GLY A 143 1.75 -21.75 -26.33
CA GLY A 143 1.85 -20.88 -27.48
C GLY A 143 0.55 -20.19 -27.84
N SER A 144 -0.58 -20.83 -27.56
CA SER A 144 -1.89 -20.24 -27.94
C SER A 144 -2.45 -19.24 -26.91
N LYS A 145 -2.09 -19.42 -25.64
CA LYS A 145 -2.57 -18.51 -24.59
C LYS A 145 -1.68 -17.28 -24.51
N THR A 146 -1.84 -16.39 -25.48
CA THR A 146 -1.06 -15.16 -25.50
C THR A 146 -1.72 -14.18 -24.54
N ASP A 147 -0.90 -13.44 -23.80
CA ASP A 147 -1.38 -12.65 -22.65
C ASP A 147 -0.43 -11.49 -22.42
N MET A 148 -0.73 -10.37 -23.05
CA MET A 148 0.16 -9.21 -23.02
C MET A 148 -0.64 -7.97 -22.80
N SER A 149 -0.02 -6.94 -22.25
CA SER A 149 -0.69 -5.67 -22.17
C SER A 149 0.35 -4.55 -22.31
N ILE A 150 -0.11 -3.40 -22.80
CA ILE A 150 0.78 -2.29 -23.11
C ILE A 150 0.39 -1.14 -22.22
N ASN A 151 1.36 -0.68 -21.46
CA ASN A 151 1.13 0.34 -20.45
C ASN A 151 2.24 1.36 -20.43
N THR A 152 1.92 2.56 -19.96
CA THR A 152 2.96 3.52 -19.64
C THR A 152 2.80 3.98 -18.21
N TYR A 153 3.95 4.16 -17.58
CA TYR A 153 4.05 4.84 -16.31
C TYR A 153 4.67 6.22 -16.53
N THR A 154 3.90 7.27 -16.23
CA THR A 154 4.36 8.66 -16.31
C THR A 154 4.54 9.17 -14.89
N LYS A 155 4.79 10.47 -14.72
CA LYS A 155 5.12 11.00 -13.41
C LYS A 155 4.02 10.72 -12.36
N GLY A 156 4.42 10.11 -11.26
CA GLY A 156 3.50 9.72 -10.21
C GLY A 156 2.88 8.33 -10.35
N CYS A 157 3.00 7.74 -11.52
CA CYS A 157 2.51 6.39 -11.73
C CYS A 157 3.37 5.39 -10.96
N HIS A 158 2.77 4.28 -10.58
CA HIS A 158 3.40 3.30 -9.68
C HIS A 158 2.58 2.05 -9.65
N LEU A 159 3.18 0.96 -9.18
CA LEU A 159 2.49 -0.29 -8.93
C LEU A 159 3.11 -0.91 -7.70
N LEU A 160 2.30 -1.12 -6.68
CA LEU A 160 2.81 -1.54 -5.39
C LEU A 160 3.01 -3.07 -5.34
N THR A 161 3.49 -3.57 -4.22
CA THR A 161 4.01 -4.94 -4.11
C THR A 161 2.93 -6.02 -4.38
N HIS A 162 3.28 -6.97 -5.22
CA HIS A 162 2.37 -8.05 -5.61
C HIS A 162 3.18 -9.22 -6.14
N ASP A 163 2.56 -10.39 -6.28
CA ASP A 163 3.33 -11.58 -6.70
C ASP A 163 2.93 -12.18 -8.06
N ASP A 164 1.98 -11.56 -8.73
CA ASP A 164 1.48 -11.94 -10.07
C ASP A 164 0.68 -13.25 -10.08
N VAL A 165 0.41 -13.84 -8.92
CA VAL A 165 -0.21 -15.17 -8.90
C VAL A 165 -1.68 -15.07 -9.21
N ILE A 166 -2.05 -15.46 -10.42
CA ILE A 166 -3.43 -15.45 -10.89
C ILE A 166 -3.56 -16.58 -11.91
N GLY A 167 -4.60 -17.41 -11.75
CA GLY A 167 -4.91 -18.43 -12.75
C GLY A 167 -3.72 -19.27 -13.18
N SER A 168 -3.54 -19.39 -14.49
CA SER A 168 -2.54 -20.29 -15.07
C SER A 168 -1.25 -19.60 -15.45
N ARG A 169 -1.04 -18.35 -15.01
CA ARG A 169 0.22 -17.67 -15.21
C ARG A 169 1.38 -18.50 -14.70
N ARG A 170 2.40 -18.67 -15.53
CA ARG A 170 3.55 -19.48 -15.21
C ARG A 170 4.90 -18.70 -15.18
N ILE A 171 5.13 -17.86 -16.19
CA ILE A 171 6.29 -16.97 -16.24
C ILE A 171 5.80 -15.57 -16.55
N SER A 172 6.26 -14.63 -15.74
CA SER A 172 6.06 -13.20 -15.96
CA SER A 172 6.05 -13.22 -15.98
C SER A 172 7.21 -12.62 -16.77
N PHE A 173 6.90 -11.74 -17.71
CA PHE A 173 7.94 -11.01 -18.40
C PHE A 173 7.50 -9.56 -18.64
N ILE A 174 8.49 -8.68 -18.72
CA ILE A 174 8.30 -7.29 -19.07
C ILE A 174 9.38 -6.93 -20.06
N LEU A 175 8.93 -6.52 -21.24
CA LEU A 175 9.79 -5.97 -22.28
C LEU A 175 9.68 -4.45 -22.28
N TYR A 176 10.81 -3.78 -22.09
CA TYR A 176 10.84 -2.33 -21.92
C TYR A 176 11.11 -1.58 -23.24
N LEU A 177 10.31 -0.53 -23.46
CA LEU A 177 10.42 0.28 -24.68
C LEU A 177 10.44 1.78 -24.38
N PRO A 178 11.23 2.21 -23.38
CA PRO A 178 11.46 3.65 -23.29
C PRO A 178 12.26 4.13 -24.49
N ASP A 179 12.43 5.43 -24.58
CA ASP A 179 13.08 6.04 -25.74
C ASP A 179 14.39 5.31 -26.08
N PRO A 180 14.49 4.71 -27.27
CA PRO A 180 15.69 3.93 -27.59
C PRO A 180 16.97 4.77 -27.76
N ASP A 181 16.84 6.08 -27.94
CA ASP A 181 18.01 6.92 -28.18
C ASP A 181 18.43 7.69 -26.94
N ARG A 182 17.78 7.45 -25.81
CA ARG A 182 18.17 8.06 -24.56
C ARG A 182 18.17 7.04 -23.43
N LYS A 183 19.11 7.19 -22.50
CA LYS A 183 19.23 6.31 -21.35
C LYS A 183 18.13 6.60 -20.33
N TRP A 184 17.42 5.58 -19.87
CA TRP A 184 16.55 5.73 -18.71
C TRP A 184 17.47 5.81 -17.49
N LYS A 185 17.26 6.76 -16.59
CA LYS A 185 18.18 6.97 -15.46
C LYS A 185 17.57 6.61 -14.13
N SER A 186 18.42 6.25 -13.19
CA SER A 186 17.97 5.80 -11.88
C SER A 186 17.07 6.82 -11.18
N HIS A 187 17.41 8.10 -11.29
CA HIS A 187 16.66 9.12 -10.58
C HIS A 187 15.33 9.42 -11.26
N TYR A 188 15.07 8.81 -12.41
CA TYR A 188 13.75 8.92 -13.04
C TYR A 188 12.70 8.12 -12.25
N GLY A 189 13.17 7.23 -11.41
CA GLY A 189 12.31 6.21 -10.83
C GLY A 189 11.91 5.16 -11.84
N GLY A 190 10.82 4.47 -11.54
CA GLY A 190 10.29 3.47 -12.44
C GLY A 190 11.11 2.21 -12.44
N GLY A 191 11.90 1.98 -11.39
CA GLY A 191 12.64 0.73 -11.28
C GLY A 191 11.71 -0.45 -11.00
N LEU A 192 12.04 -1.61 -11.56
CA LEU A 192 11.48 -2.89 -11.14
C LEU A 192 12.18 -3.35 -9.84
N ARG A 193 11.40 -3.48 -8.77
CA ARG A 193 11.98 -3.84 -7.48
C ARG A 193 11.52 -5.20 -7.03
N LEU A 194 12.47 -5.96 -6.46
CA LEU A 194 12.22 -7.33 -6.01
C LEU A 194 12.41 -7.40 -4.51
N PHE A 195 11.51 -8.15 -3.85
CA PHE A 195 11.47 -8.23 -2.40
C PHE A 195 11.83 -9.60 -1.92
N PRO A 196 12.81 -9.69 -0.99
CA PRO A 196 13.16 -11.00 -0.44
C PRO A 196 12.11 -11.49 0.56
N SER A 197 12.21 -12.77 0.88
CA SER A 197 11.24 -13.46 1.72
C SER A 197 11.77 -13.61 3.13
N ILE A 198 10.99 -13.13 4.10
CA ILE A 198 11.28 -13.41 5.49
C ILE A 198 10.83 -14.85 5.76
N LEU A 199 9.63 -15.18 5.29
CA LEU A 199 9.20 -16.56 5.22
C LEU A 199 8.12 -16.62 4.14
N PRO A 200 7.69 -17.84 3.76
CA PRO A 200 6.72 -17.90 2.64
C PRO A 200 5.51 -17.04 2.89
N ASN A 201 5.15 -16.26 1.88
CA ASN A 201 4.09 -15.25 1.91
C ASN A 201 4.32 -14.10 2.86
N VAL A 202 5.57 -13.94 3.29
CA VAL A 202 5.91 -12.81 4.14
C VAL A 202 7.15 -12.16 3.54
N PRO A 203 6.95 -11.35 2.47
CA PRO A 203 8.07 -10.57 1.94
C PRO A 203 8.55 -9.53 2.91
N HIS A 204 9.86 -9.29 2.91
CA HIS A 204 10.43 -8.17 3.63
C HIS A 204 9.82 -6.84 3.11
N SER A 205 9.67 -5.86 4.00
CA SER A 205 9.09 -4.56 3.62
C SER A 205 9.90 -3.80 2.57
N ASP A 206 11.21 -4.01 2.62
CA ASP A 206 12.14 -3.31 1.75
C ASP A 206 12.72 -4.22 0.64
N PRO A 207 12.83 -3.69 -0.56
CA PRO A 207 13.34 -4.46 -1.72
C PRO A 207 14.83 -4.69 -1.63
N SER A 208 15.31 -5.79 -2.19
CA SER A 208 16.73 -6.11 -2.15
C SER A 208 17.41 -5.94 -3.51
N ALA A 209 16.62 -5.66 -4.54
CA ALA A 209 17.15 -5.42 -5.86
C ALA A 209 16.24 -4.47 -6.64
N LYS A 210 16.85 -3.61 -7.46
CA LYS A 210 16.11 -2.69 -8.29
C LYS A 210 16.71 -2.61 -9.70
N LEU A 211 15.94 -3.00 -10.69
CA LEU A 211 16.37 -2.96 -12.07
C LEU A 211 15.93 -1.65 -12.74
N VAL A 212 16.89 -0.96 -13.35
CA VAL A 212 16.64 0.26 -14.11
C VAL A 212 16.48 -0.14 -15.58
N PRO A 213 15.26 0.00 -16.12
CA PRO A 213 14.93 -0.60 -17.43
C PRO A 213 15.49 0.19 -18.62
N GLN A 214 15.86 -0.51 -19.67
CA GLN A 214 16.28 0.13 -20.91
C GLN A 214 15.58 -0.49 -22.12
N PHE A 215 15.56 0.26 -23.21
CA PHE A 215 15.00 -0.22 -24.47
C PHE A 215 15.52 -1.62 -24.84
N ASN A 216 14.61 -2.52 -25.17
CA ASN A 216 14.93 -3.85 -25.64
C ASN A 216 15.55 -4.75 -24.57
N GLN A 217 15.37 -4.37 -23.31
CA GLN A 217 15.66 -5.25 -22.18
C GLN A 217 14.39 -5.97 -21.76
N ILE A 218 14.52 -7.26 -21.44
CA ILE A 218 13.41 -8.02 -20.87
C ILE A 218 13.84 -8.49 -19.47
N ALA A 219 12.91 -8.37 -18.53
CA ALA A 219 13.02 -8.94 -17.20
C ALA A 219 11.91 -9.97 -17.05
N PHE A 220 12.20 -11.06 -16.34
CA PHE A 220 11.27 -12.17 -16.23
C PHE A 220 11.53 -13.01 -15.00
N PHE A 221 10.49 -13.73 -14.61
CA PHE A 221 10.59 -14.63 -13.49
C PHE A 221 9.42 -15.60 -13.52
N LYS A 222 9.70 -16.84 -13.14
CA LYS A 222 8.67 -17.81 -12.82
C LYS A 222 7.81 -17.28 -11.67
N VAL A 223 6.50 -17.32 -11.89
CA VAL A 223 5.51 -16.95 -10.90
C VAL A 223 5.56 -17.96 -9.78
N LEU A 224 5.72 -17.49 -8.55
CA LEU A 224 5.95 -18.38 -7.39
C LEU A 224 5.09 -17.93 -6.24
N PRO A 225 3.96 -18.62 -5.98
CA PRO A 225 3.10 -18.27 -4.85
C PRO A 225 3.89 -18.14 -3.54
N GLY A 226 3.74 -17.00 -2.89
CA GLY A 226 4.38 -16.72 -1.62
C GLY A 226 5.77 -16.13 -1.73
N PHE A 227 6.32 -16.03 -2.95
CA PHE A 227 7.70 -15.62 -3.12
C PHE A 227 7.99 -14.53 -4.17
N SER A 228 7.32 -14.54 -5.32
CA SER A 228 7.74 -13.67 -6.40
C SER A 228 7.16 -12.27 -6.25
N PHE A 229 7.47 -11.63 -5.13
CA PHE A 229 7.00 -10.27 -4.85
C PHE A 229 7.88 -9.20 -5.47
N HIS A 230 7.21 -8.29 -6.17
CA HIS A 230 7.88 -7.26 -6.93
C HIS A 230 6.96 -6.03 -7.02
N ASP A 231 7.51 -4.91 -7.43
CA ASP A 231 6.71 -3.70 -7.64
C ASP A 231 7.36 -2.81 -8.68
N VAL A 232 6.64 -1.78 -9.11
CA VAL A 232 7.20 -0.74 -9.95
C VAL A 232 7.31 0.54 -9.14
N GLU A 233 8.55 0.94 -8.91
CA GLU A 233 8.88 2.15 -8.21
C GLU A 233 8.23 3.36 -8.91
N GLU A 234 7.69 4.31 -8.16
CA GLU A 234 7.06 5.49 -8.75
C GLU A 234 7.99 6.21 -9.73
N VAL A 235 7.43 6.64 -10.86
CA VAL A 235 8.14 7.44 -11.83
C VAL A 235 8.15 8.87 -11.28
N LYS A 236 9.35 9.41 -11.15
CA LYS A 236 9.58 10.62 -10.40
C LYS A 236 9.74 11.88 -11.28
N VAL A 237 9.74 11.69 -12.60
CA VAL A 237 9.96 12.80 -13.54
C VAL A 237 8.95 12.70 -14.67
N ASP A 238 8.84 13.77 -15.46
CA ASP A 238 7.91 13.79 -16.57
C ASP A 238 8.52 13.10 -17.80
N LYS A 239 8.54 11.77 -17.72
CA LYS A 239 9.05 10.90 -18.76
C LYS A 239 8.05 9.76 -18.89
N HIS A 240 8.08 9.07 -20.03
CA HIS A 240 7.16 7.99 -20.33
C HIS A 240 7.86 6.64 -20.29
N ARG A 241 7.57 5.86 -19.26
CA ARG A 241 8.09 4.50 -19.16
C ARG A 241 7.13 3.52 -19.83
N LEU A 242 7.44 3.16 -21.07
CA LEU A 242 6.58 2.30 -21.88
C LEU A 242 7.04 0.87 -21.78
N SER A 243 6.11 -0.06 -21.60
CA SER A 243 6.48 -1.47 -21.60
C SER A 243 5.40 -2.32 -22.17
N ILE A 244 5.80 -3.54 -22.54
CA ILE A 244 4.90 -4.61 -22.88
C ILE A 244 5.12 -5.68 -21.83
N GLN A 245 4.10 -5.90 -21.00
N GLN A 245 4.07 -5.89 -21.04
CA GLN A 245 4.19 -6.89 -19.94
CA GLN A 245 4.05 -6.83 -19.93
C GLN A 245 3.21 -7.99 -20.19
C GLN A 245 3.27 -8.03 -20.37
N GLY A 246 3.64 -9.20 -19.87
CA GLY A 246 2.84 -10.37 -20.12
C GLY A 246 3.20 -11.58 -19.33
N TRP A 247 2.51 -12.68 -19.69
CA TRP A 247 2.74 -13.97 -19.11
C TRP A 247 2.74 -15.08 -20.14
N TYR A 248 3.55 -16.09 -19.85
CA TYR A 248 3.40 -17.40 -20.43
C TYR A 248 2.58 -18.21 -19.46
N HIS A 249 1.63 -18.95 -20.01
CA HIS A 249 0.75 -19.80 -19.21
C HIS A 249 1.09 -21.27 -19.29
N ILE A 250 0.56 -22.01 -18.32
CA ILE A 250 0.41 -23.45 -18.45
C ILE A 250 -0.29 -23.73 -19.77
N PRO A 251 0.18 -24.73 -20.53
CA PRO A 251 -0.48 -25.01 -21.81
C PRO A 251 -1.94 -25.44 -21.69
N GLN A 252 -2.69 -25.31 -22.78
CA GLN A 252 -4.00 -25.93 -22.86
C GLN A 252 -3.81 -27.44 -22.76
N VAL A 253 -4.81 -28.12 -22.21
CA VAL A 253 -4.78 -29.56 -22.11
C VAL A 253 -4.60 -30.17 -23.50
N GLY A 254 -3.52 -30.93 -23.66
CA GLY A 254 -3.21 -31.58 -24.93
C GLY A 254 -2.37 -30.72 -25.87
N GLU A 255 -2.21 -29.45 -25.55
CA GLU A 255 -1.43 -28.52 -26.40
C GLU A 255 0.02 -28.97 -26.44
N GLU A 256 0.51 -29.25 -27.65
CA GLU A 256 1.86 -29.78 -27.86
C GLU A 256 2.16 -30.94 -26.89
N GLY A 257 1.11 -31.72 -26.56
CA GLY A 257 1.27 -32.90 -25.75
C GLY A 257 1.19 -32.71 -24.24
N TYR A 258 0.89 -31.49 -23.79
CA TYR A 258 0.83 -31.22 -22.36
C TYR A 258 -0.31 -32.02 -21.72
N ILE A 259 -0.02 -32.73 -20.62
CA ILE A 259 -1.04 -33.44 -19.84
C ILE A 259 -0.99 -32.91 -18.39
N PRO A 260 -2.13 -32.42 -17.89
CA PRO A 260 -2.17 -31.89 -16.52
C PRO A 260 -1.67 -32.90 -15.51
N GLY A 261 -0.87 -32.47 -14.54
CA GLY A 261 -0.44 -33.35 -13.48
C GLY A 261 0.78 -34.22 -13.71
N GLU A 262 1.41 -34.15 -14.89
CA GLU A 262 2.57 -35.00 -15.18
C GLU A 262 3.90 -34.25 -15.11
N LEU A 282 -2.15 -16.68 7.75
CA LEU A 282 -1.24 -15.64 7.27
C LEU A 282 -1.56 -14.30 7.89
N GLU A 283 -2.79 -14.18 8.38
CA GLU A 283 -3.16 -13.10 9.28
C GLU A 283 -2.18 -12.97 10.43
N ASP A 284 -1.57 -14.08 10.84
CA ASP A 284 -0.69 -14.07 12.00
C ASP A 284 0.55 -13.17 11.79
N PHE A 285 0.93 -12.98 10.52
CA PHE A 285 2.14 -12.24 10.17
C PHE A 285 1.92 -10.78 9.81
N GLU A 286 0.68 -10.31 9.89
CA GLU A 286 0.32 -8.91 9.73
C GLU A 286 0.60 -8.12 11.02
N PHE A 287 1.27 -6.98 10.88
CA PHE A 287 1.43 -6.05 11.98
C PHE A 287 1.18 -4.64 11.46
N PRO A 288 0.43 -3.80 12.22
CA PRO A 288 -0.27 -4.13 13.46
C PRO A 288 -1.44 -5.06 13.19
N LYS A 289 -1.90 -5.76 14.23
CA LYS A 289 -3.06 -6.61 14.13
C LYS A 289 -4.33 -5.76 14.14
N ASP A 290 -5.33 -6.16 13.36
CA ASP A 290 -6.64 -5.50 13.35
C ASP A 290 -7.46 -6.06 14.53
N GLU A 291 -7.00 -5.76 15.74
CA GLU A 291 -7.52 -6.27 17.03
C GLU A 291 -7.73 -5.15 18.03
N ARG A 292 -8.81 -5.22 18.80
CA ARG A 292 -9.08 -4.23 19.83
C ARG A 292 -9.11 -4.87 21.20
N ASN A 293 -8.78 -4.09 22.22
CA ASN A 293 -8.83 -4.57 23.58
C ASN A 293 -10.12 -4.09 24.23
N ILE A 294 -10.74 -4.97 25.00
CA ILE A 294 -12.02 -4.66 25.59
C ILE A 294 -11.83 -3.66 26.74
N LEU A 295 -12.82 -2.80 26.92
CA LEU A 295 -12.76 -1.73 27.89
C LEU A 295 -13.16 -2.27 29.25
N SER A 296 -12.77 -1.57 30.30
CA SER A 296 -13.09 -1.96 31.66
C SER A 296 -14.58 -1.85 31.94
N PHE A 297 -15.10 -2.63 32.88
CA PHE A 297 -16.53 -2.53 33.15
C PHE A 297 -16.90 -1.13 33.66
N HIS A 298 -15.96 -0.45 34.34
CA HIS A 298 -16.22 0.91 34.82
C HIS A 298 -16.63 1.81 33.65
N GLU A 299 -15.85 1.77 32.58
CA GLU A 299 -16.10 2.60 31.42
C GLU A 299 -17.44 2.29 30.78
N VAL A 300 -17.67 1.02 30.48
CA VAL A 300 -18.89 0.62 29.79
C VAL A 300 -20.12 1.00 30.61
N LYS A 301 -20.10 0.86 31.93
CA LYS A 301 -21.28 1.24 32.72
C LYS A 301 -21.51 2.74 32.68
N HIS A 302 -20.43 3.53 32.62
CA HIS A 302 -20.55 4.98 32.50
C HIS A 302 -21.32 5.34 31.23
N PHE A 303 -20.96 4.72 30.11
CA PHE A 303 -21.60 5.03 28.84
C PHE A 303 -23.07 4.59 28.85
N GLU A 304 -23.34 3.40 29.40
CA GLU A 304 -24.72 2.92 29.51
C GLU A 304 -25.60 3.86 30.33
N LYS A 305 -25.12 4.21 31.52
CA LYS A 305 -25.85 5.08 32.42
C LYS A 305 -26.22 6.37 31.72
N MET A 306 -25.28 6.91 30.94
CA MET A 306 -25.53 8.14 30.21
C MET A 306 -26.59 7.95 29.12
N LEU A 307 -26.51 6.85 28.39
CA LEU A 307 -27.40 6.63 27.26
C LEU A 307 -28.78 6.08 27.69
N LYS A 308 -28.96 5.86 28.99
CA LYS A 308 -30.26 5.45 29.53
C LYS A 308 -30.65 6.30 30.73
N VAL A 331 -27.33 16.05 26.35
CA VAL A 331 -25.91 16.35 26.56
C VAL A 331 -25.56 16.28 28.04
N LYS A 332 -25.65 15.08 28.62
CA LYS A 332 -25.40 14.90 30.04
C LYS A 332 -23.92 14.64 30.35
N LEU A 333 -23.12 15.70 30.17
CA LEU A 333 -21.75 15.75 30.63
C LEU A 333 -21.63 16.83 31.71
N SER A 334 -20.79 16.59 32.70
CA SER A 334 -20.65 17.49 33.83
C SER A 334 -19.72 18.64 33.47
N GLU A 335 -19.69 19.66 34.33
CA GLU A 335 -18.83 20.82 34.10
C GLU A 335 -17.37 20.37 34.02
N ALA A 336 -17.00 19.45 34.90
CA ALA A 336 -15.63 18.95 34.97
C ALA A 336 -15.28 18.12 33.73
N GLU A 337 -16.26 17.41 33.19
CA GLU A 337 -16.03 16.63 31.97
C GLU A 337 -15.86 17.55 30.78
N PHE A 338 -16.70 18.58 30.67
CA PHE A 338 -16.51 19.55 29.60
C PHE A 338 -15.17 20.25 29.73
N THR A 339 -14.76 20.53 30.96
CA THR A 339 -13.45 21.14 31.19
C THR A 339 -12.34 20.23 30.68
N TYR A 340 -12.46 18.95 30.99
CA TYR A 340 -11.48 17.98 30.54
C TYR A 340 -11.46 17.92 29.02
N LEU A 341 -12.63 17.83 28.39
CA LEU A 341 -12.71 17.78 26.94
C LEU A 341 -12.14 19.02 26.28
N SER A 342 -12.34 20.17 26.93
CA SER A 342 -11.89 21.44 26.37
C SER A 342 -10.37 21.60 26.40
N GLN A 343 -9.66 20.67 27.05
CA GLN A 343 -8.20 20.68 26.97
C GLN A 343 -7.69 20.41 25.55
N TYR A 344 -8.44 19.60 24.79
CA TYR A 344 -8.06 19.20 23.45
C TYR A 344 -9.05 19.64 22.37
N ILE A 345 -10.34 19.62 22.65
CA ILE A 345 -11.33 19.77 21.59
C ILE A 345 -11.78 21.22 21.47
N SER A 346 -12.03 21.65 20.24
CA SER A 346 -12.42 23.03 19.99
C SER A 346 -13.78 23.37 20.62
N PRO A 347 -13.97 24.60 21.13
CA PRO A 347 -15.27 24.95 21.72
C PRO A 347 -16.47 24.70 20.79
N GLU A 348 -16.29 24.94 19.48
CA GLU A 348 -17.35 24.69 18.47
C GLU A 348 -18.04 23.35 18.68
N HIS A 349 -17.25 22.33 19.02
CA HIS A 349 -17.74 20.96 19.03
C HIS A 349 -18.15 20.47 20.41
N LEU A 350 -18.08 21.35 21.40
CA LEU A 350 -18.47 21.03 22.78
C LEU A 350 -19.73 21.80 23.22
N SER A 351 -20.19 22.72 22.38
CA SER A 351 -21.37 23.52 22.71
C SER A 351 -22.63 22.71 22.50
N SER A 352 -23.75 23.18 23.03
CA SER A 352 -25.00 22.47 22.87
C SER A 352 -25.39 22.42 21.39
N LYS A 353 -25.18 23.52 20.67
CA LYS A 353 -25.57 23.58 19.27
C LYS A 353 -24.67 22.68 18.42
N GLY A 354 -23.37 22.75 18.67
CA GLY A 354 -22.41 21.94 17.94
C GLY A 354 -22.65 20.46 18.15
N ILE A 355 -22.90 20.06 19.39
CA ILE A 355 -23.15 18.66 19.69
C ILE A 355 -24.41 18.18 18.96
N GLU A 356 -25.48 18.98 19.02
CA GLU A 356 -26.73 18.63 18.36
C GLU A 356 -26.54 18.45 16.85
N LYS A 357 -25.76 19.33 16.24
CA LYS A 357 -25.48 19.24 14.80
C LYS A 357 -24.75 17.95 14.47
N LEU A 358 -23.78 17.60 15.31
CA LEU A 358 -22.98 16.42 15.04
C LEU A 358 -23.84 15.17 15.22
N GLN A 359 -24.63 15.16 16.29
CA GLN A 359 -25.58 14.07 16.53
C GLN A 359 -26.49 13.86 15.33
N LYS A 360 -27.08 14.93 14.82
CA LYS A 360 -27.99 14.83 13.69
C LYS A 360 -27.26 14.29 12.47
N GLN A 361 -26.05 14.80 12.23
CA GLN A 361 -25.23 14.33 11.11
C GLN A 361 -24.97 12.83 11.20
N PHE A 362 -24.65 12.34 12.39
CA PHE A 362 -24.34 10.93 12.55
C PHE A 362 -25.58 10.07 12.40
N VAL A 363 -26.73 10.56 12.84
CA VAL A 363 -27.96 9.81 12.67
C VAL A 363 -28.27 9.63 11.18
N GLU A 364 -28.09 10.69 10.41
CA GLU A 364 -28.43 10.67 8.98
C GLU A 364 -27.43 9.95 8.10
N ASN A 365 -26.14 10.03 8.44
CA ASN A 365 -25.07 9.53 7.59
C ASN A 365 -24.28 8.32 8.15
N SER A 366 -24.41 8.04 9.45
CA SER A 366 -23.59 7.03 10.13
C SER A 366 -22.11 7.34 9.95
N SER A 367 -21.83 8.63 9.91
CA SER A 367 -20.49 9.13 9.74
C SER A 367 -20.47 10.61 10.14
N LEU A 368 -19.29 11.09 10.48
CA LEU A 368 -19.03 12.52 10.72
C LEU A 368 -17.75 12.93 9.98
N GLN A 369 -17.74 14.13 9.43
CA GLN A 369 -16.50 14.71 8.96
C GLN A 369 -16.38 16.09 9.59
N ILE A 370 -15.51 16.20 10.59
CA ILE A 370 -15.37 17.42 11.36
C ILE A 370 -14.12 18.18 10.94
N GLU A 371 -14.26 19.49 10.77
CA GLU A 371 -13.12 20.34 10.52
C GLU A 371 -12.73 21.09 11.79
N SER A 372 -11.45 21.48 11.87
CA SER A 372 -10.91 22.16 13.04
C SER A 372 -11.37 21.49 14.31
N PHE A 373 -11.00 20.23 14.46
CA PHE A 373 -11.48 19.44 15.57
C PHE A 373 -10.80 19.82 16.89
N LEU A 374 -9.47 19.75 16.90
CA LEU A 374 -8.72 20.19 18.08
C LEU A 374 -8.76 21.72 18.26
N ASN A 375 -8.66 22.19 19.50
CA ASN A 375 -8.66 23.63 19.80
C ASN A 375 -7.38 24.28 19.30
N ASP A 376 -7.31 25.60 19.36
CA ASP A 376 -6.18 26.33 18.78
C ASP A 376 -4.87 26.06 19.51
N ASP A 377 -4.95 25.85 20.83
CA ASP A 377 -3.76 25.62 21.64
C ASP A 377 -3.06 24.33 21.18
N LYS A 378 -3.85 23.25 21.05
CA LYS A 378 -3.28 21.97 20.68
C LYS A 378 -2.97 21.89 19.18
N SER A 379 -3.77 22.55 18.37
CA SER A 379 -3.46 22.67 16.94
C SER A 379 -2.09 23.34 16.76
N GLU A 380 -1.84 24.44 17.46
CA GLU A 380 -0.57 25.14 17.30
C GLU A 380 0.59 24.28 17.77
N LEU A 381 0.44 23.62 18.91
CA LEU A 381 1.51 22.78 19.43
C LEU A 381 1.89 21.64 18.46
N LEU A 382 0.89 20.90 17.99
CA LEU A 382 1.12 19.76 17.11
C LEU A 382 1.64 20.16 15.73
N LYS A 383 1.17 21.28 15.19
CA LYS A 383 1.68 21.72 13.90
C LYS A 383 3.14 22.11 14.04
N LYS A 384 3.50 22.72 15.16
CA LYS A 384 4.87 23.11 15.34
C LYS A 384 5.82 21.92 15.38
N VAL A 385 5.51 20.95 16.24
CA VAL A 385 6.43 19.84 16.45
C VAL A 385 6.48 18.91 15.24
N ILE A 386 5.35 18.78 14.54
CA ILE A 386 5.36 17.97 13.33
C ILE A 386 6.15 18.65 12.22
N LYS A 387 5.94 19.96 12.02
CA LYS A 387 6.72 20.67 11.02
C LYS A 387 8.23 20.66 11.35
N GLN A 388 8.57 20.78 12.63
CA GLN A 388 9.96 20.80 13.02
C GLN A 388 10.60 19.46 12.68
N LYS A 389 9.86 18.38 12.93
CA LYS A 389 10.38 17.05 12.69
C LYS A 389 10.59 16.81 11.20
N GLU A 390 9.60 17.24 10.42
CA GLU A 390 9.70 17.18 8.96
C GLU A 390 10.89 17.94 8.42
N LEU A 391 11.16 19.10 8.99
CA LEU A 391 12.15 19.98 8.41
C LEU A 391 13.57 19.65 8.86
N GLU A 392 13.73 19.24 10.12
CA GLU A 392 15.06 19.19 10.72
C GLU A 392 15.57 17.80 11.08
N GLN A 393 14.73 16.77 10.97
CA GLN A 393 15.20 15.42 11.31
C GLN A 393 15.23 14.49 10.09
N GLU A 394 16.06 13.45 10.16
CA GLU A 394 16.17 12.47 9.10
C GLU A 394 15.16 11.34 9.27
N CYS A 395 14.20 11.27 8.36
CA CYS A 395 13.16 10.25 8.45
C CYS A 395 13.72 8.89 8.03
N PRO A 396 13.49 7.83 8.82
CA PRO A 396 14.01 6.53 8.33
C PRO A 396 13.29 6.07 7.06
N TYR A 397 14.05 5.55 6.08
CA TYR A 397 13.48 5.13 4.80
C TYR A 397 13.79 3.66 4.50
N HIS A 398 14.05 2.92 5.56
CA HIS A 398 14.25 1.48 5.52
C HIS A 398 13.84 0.95 6.89
N SER A 399 13.20 -0.22 6.95
CA SER A 399 12.64 -0.68 8.23
C SER A 399 13.74 -0.94 9.27
N LYS A 400 14.92 -1.30 8.82
CA LYS A 400 16.07 -1.51 9.72
C LYS A 400 16.48 -0.23 10.47
N ASP A 401 16.18 0.93 9.90
CA ASP A 401 16.61 2.22 10.47
C ASP A 401 15.56 2.81 11.41
N VAL A 402 14.37 2.21 11.48
CA VAL A 402 13.29 2.71 12.30
C VAL A 402 13.57 2.36 13.79
N LYS A 403 13.40 3.35 14.67
CA LYS A 403 13.73 3.17 16.08
C LYS A 403 12.53 3.50 16.94
N ALA A 404 12.57 3.02 18.17
CA ALA A 404 11.50 3.26 19.12
C ALA A 404 11.18 4.74 19.14
N PRO A 405 9.91 5.09 19.27
CA PRO A 405 8.74 4.23 19.50
C PRO A 405 8.03 3.70 18.25
N TRP A 406 8.65 3.84 17.09
CA TRP A 406 8.02 3.51 15.83
C TRP A 406 8.20 2.05 15.45
N LYS A 407 7.21 1.55 14.72
CA LYS A 407 7.21 0.24 14.09
C LYS A 407 6.87 0.45 12.61
N THR A 408 7.27 -0.52 11.78
CA THR A 408 6.87 -0.58 10.37
C THR A 408 5.75 -1.59 10.17
N ALA A 409 4.64 -1.15 9.61
CA ALA A 409 3.57 -2.08 9.23
C ALA A 409 4.05 -3.06 8.13
N ILE A 410 3.69 -4.34 8.28
CA ILE A 410 4.08 -5.41 7.40
C ILE A 410 2.90 -6.37 7.23
N PRO A 411 2.88 -7.16 6.15
CA PRO A 411 3.82 -7.25 5.04
C PRO A 411 3.50 -6.27 3.92
N PRO A 412 4.48 -5.99 3.03
CA PRO A 412 4.30 -4.92 2.03
C PRO A 412 3.32 -5.21 0.90
N HIS A 413 2.85 -6.44 0.74
CA HIS A 413 1.76 -6.66 -0.22
C HIS A 413 0.39 -6.38 0.44
N LYS A 414 0.41 -5.92 1.67
CA LYS A 414 -0.79 -5.43 2.35
C LYS A 414 -0.72 -3.97 2.75
N ALA A 415 0.43 -3.55 3.27
CA ALA A 415 0.60 -2.18 3.74
C ALA A 415 2.05 -1.85 3.99
N ARG A 416 2.33 -0.55 4.10
CA ARG A 416 3.59 -0.05 4.60
C ARG A 416 3.35 1.32 5.16
N TYR A 417 3.71 1.53 6.44
CA TYR A 417 3.65 2.83 7.09
C TYR A 417 4.35 2.71 8.43
N LEU A 418 4.66 3.84 9.03
CA LEU A 418 5.22 3.87 10.37
C LEU A 418 4.10 4.10 11.38
N TYR A 419 4.20 3.42 12.53
CA TYR A 419 3.17 3.58 13.55
C TYR A 419 3.71 3.44 14.96
N ILE A 420 3.00 4.11 15.86
CA ILE A 420 3.18 3.99 17.31
C ILE A 420 1.93 3.33 17.88
N ASP A 421 2.08 2.14 18.47
CA ASP A 421 0.96 1.47 19.11
C ASP A 421 1.07 1.34 20.63
N GLY A 422 2.17 1.80 21.24
CA GLY A 422 2.34 1.68 22.68
C GLY A 422 2.83 0.32 23.17
N LYS A 423 3.12 -0.60 22.24
CA LYS A 423 3.62 -1.92 22.61
C LYS A 423 5.16 -1.92 22.62
N GLU A 424 5.74 -2.95 23.20
CA GLU A 424 7.19 -3.02 23.24
C GLU A 424 7.74 -3.02 21.79
N TYR A 425 8.94 -2.48 21.66
CA TYR A 425 9.57 -2.24 20.37
C TYR A 425 9.71 -3.55 19.61
N ARG A 426 9.49 -3.49 18.31
CA ARG A 426 9.72 -4.62 17.42
C ARG A 426 10.33 -4.10 16.15
N ASN A 427 11.27 -4.85 15.62
CA ASN A 427 11.84 -4.56 14.32
C ASN A 427 12.02 -5.92 13.63
N PHE A 428 11.18 -6.14 12.64
CA PHE A 428 11.02 -7.46 12.05
C PHE A 428 11.93 -7.61 10.83
N GLN A 429 13.13 -8.13 11.08
CA GLN A 429 14.09 -8.41 10.03
C GLN A 429 14.21 -9.90 9.73
N THR A 430 13.91 -10.76 10.69
CA THR A 430 14.02 -12.20 10.50
C THR A 430 12.77 -12.94 10.94
N GLU A 431 12.64 -14.19 10.49
CA GLU A 431 11.58 -15.05 10.99
C GLU A 431 11.59 -15.11 12.54
N ALA A 432 12.77 -15.28 13.13
CA ALA A 432 12.89 -15.35 14.59
C ALA A 432 12.27 -14.13 15.27
N ASP A 433 12.45 -12.94 14.69
CA ASP A 433 11.88 -11.71 15.26
C ASP A 433 10.35 -11.77 15.34
N ILE A 434 9.74 -12.29 14.30
CA ILE A 434 8.28 -12.41 14.22
C ILE A 434 7.75 -13.47 15.18
N LEU A 435 8.38 -14.64 15.18
CA LEU A 435 7.96 -15.71 16.08
C LEU A 435 8.09 -15.31 17.54
N GLU A 436 9.10 -14.52 17.84
CA GLU A 436 9.30 -14.04 19.22
C GLU A 436 8.11 -13.17 19.64
N ALA A 437 7.67 -12.29 18.74
CA ALA A 437 6.51 -11.44 19.00
C ALA A 437 5.24 -12.28 19.16
N LEU A 438 5.10 -13.32 18.33
CA LEU A 438 3.89 -14.13 18.37
C LEU A 438 3.79 -15.01 19.63
N ASN A 439 4.92 -15.39 20.19
CA ASN A 439 4.94 -16.15 21.43
C ASN A 439 4.78 -15.27 22.68
N ASN A 440 5.01 -13.96 22.53
CA ASN A 440 5.03 -13.04 23.66
C ASN A 440 4.18 -11.84 23.37
N ASN A 441 2.88 -12.04 23.17
CA ASN A 441 1.99 -10.93 22.87
C ASN A 441 1.97 -9.98 24.04
N ASP A 442 1.99 -8.68 23.78
CA ASP A 442 1.91 -7.69 24.85
C ASP A 442 0.89 -6.65 24.45
N LEU A 443 0.46 -5.87 25.44
CA LEU A 443 -0.62 -4.91 25.29
C LEU A 443 -0.07 -3.48 25.27
N PRO A 444 -0.78 -2.57 24.61
CA PRO A 444 -0.36 -1.18 24.54
C PRO A 444 -0.26 -0.52 25.90
N ASN A 445 0.77 0.29 26.09
CA ASN A 445 0.81 1.17 27.23
C ASN A 445 1.53 2.45 26.87
N PHE A 446 0.74 3.47 26.59
CA PHE A 446 1.29 4.75 26.11
C PHE A 446 2.10 5.51 27.16
N GLN A 447 1.73 5.50 28.44
CA GLN A 447 2.57 6.19 29.43
C GLN A 447 3.95 5.54 29.55
N PHE A 448 4.02 4.20 29.54
CA PHE A 448 5.32 3.55 29.57
C PHE A 448 6.14 3.91 28.31
N THR A 449 5.46 4.08 27.17
CA THR A 449 6.14 4.44 25.95
C THR A 449 6.76 5.84 26.11
N LYS A 450 5.97 6.76 26.66
CA LYS A 450 6.46 8.11 26.98
C LYS A 450 7.68 8.08 27.88
N ASP A 451 7.60 7.28 28.94
CA ASP A 451 8.69 7.12 29.89
C ASP A 451 9.96 6.65 29.16
N ALA A 452 9.81 5.67 28.29
CA ALA A 452 10.94 5.11 27.55
C ALA A 452 11.60 6.18 26.66
N ILE A 453 10.77 6.98 25.99
CA ILE A 453 11.26 8.05 25.12
C ILE A 453 12.12 9.05 25.89
N LYS A 454 11.64 9.48 27.05
CA LYS A 454 12.35 10.45 27.89
C LYS A 454 13.78 9.99 28.19
N ILE A 455 13.92 8.73 28.57
CA ILE A 455 15.23 8.17 28.84
C ILE A 455 16.13 8.20 27.60
N ILE A 456 15.65 7.68 26.48
CA ILE A 456 16.42 7.70 25.25
C ILE A 456 16.81 9.14 24.95
N SER A 457 15.82 10.02 25.09
CA SER A 457 15.98 11.41 24.72
C SER A 457 17.02 12.15 25.57
N ASP A 458 17.05 11.88 26.87
CA ASP A 458 17.98 12.56 27.76
C ASP A 458 19.42 12.20 27.42
N ALA A 459 19.67 10.91 27.22
CA ALA A 459 21.01 10.41 26.92
C ALA A 459 21.61 11.08 25.68
N SER A 460 20.87 11.10 24.57
CA SER A 460 21.33 11.73 23.33
C SER A 460 21.46 13.26 23.48
N GLY A 461 20.46 13.90 24.12
CA GLY A 461 20.56 15.32 24.45
C GLY A 461 19.42 16.23 24.00
N ASN A 462 18.39 15.66 23.38
CA ASN A 462 17.22 16.44 22.96
C ASN A 462 17.58 17.58 22.00
N SER A 463 18.36 17.26 20.96
CA SER A 463 18.76 18.23 19.95
C SER A 463 17.68 18.46 18.89
N ARG A 464 17.87 19.51 18.09
CA ARG A 464 16.94 19.76 16.99
C ARG A 464 16.88 18.52 16.07
N GLU A 465 17.94 17.73 16.03
CA GLU A 465 18.06 16.61 15.10
C GLU A 465 17.47 15.27 15.59
N ASN A 466 17.31 15.14 16.90
CA ASN A 466 16.97 13.85 17.53
C ASN A 466 15.82 13.89 18.55
N ASN A 467 15.24 15.06 18.78
CA ASN A 467 14.27 15.18 19.86
C ASN A 467 12.99 14.42 19.51
N PHE A 468 12.22 14.10 20.54
CA PHE A 468 10.98 13.35 20.39
C PHE A 468 9.74 14.22 20.66
N ASP A 469 9.85 15.53 20.42
CA ASP A 469 8.74 16.46 20.69
C ASP A 469 7.42 16.06 20.01
N ALA A 470 7.52 15.66 18.75
CA ALA A 470 6.35 15.25 17.97
C ALA A 470 5.72 13.98 18.55
N GLU A 471 6.54 12.98 18.85
CA GLU A 471 6.06 11.72 19.39
C GLU A 471 5.40 11.94 20.75
N LEU A 472 6.00 12.76 21.59
CA LEU A 472 5.43 12.99 22.90
C LEU A 472 4.08 13.70 22.81
N ALA A 473 3.97 14.71 21.93
CA ALA A 473 2.71 15.44 21.75
C ALA A 473 1.64 14.52 21.19
N LEU A 474 2.03 13.67 20.24
CA LEU A 474 1.08 12.75 19.63
C LEU A 474 0.63 11.70 20.62
N ILE A 475 1.54 11.25 21.48
CA ILE A 475 1.15 10.24 22.45
C ILE A 475 0.18 10.87 23.44
N ASP A 476 0.44 12.12 23.84
CA ASP A 476 -0.47 12.82 24.73
C ASP A 476 -1.87 12.89 24.12
N LEU A 477 -1.92 13.15 22.82
CA LEU A 477 -3.19 13.16 22.11
C LEU A 477 -3.89 11.78 22.12
N ALA A 478 -3.12 10.71 21.89
CA ALA A 478 -3.67 9.35 21.97
C ALA A 478 -4.23 9.07 23.37
N VAL A 479 -3.52 9.52 24.38
CA VAL A 479 -3.94 9.30 25.76
C VAL A 479 -5.27 10.01 26.00
N PHE A 480 -5.42 11.21 25.43
CA PHE A 480 -6.69 11.91 25.54
C PHE A 480 -7.83 11.06 24.96
N HIS A 481 -7.62 10.51 23.78
CA HIS A 481 -8.67 9.74 23.10
C HIS A 481 -8.92 8.40 23.78
N LYS A 482 -7.96 7.97 24.57
CA LYS A 482 -8.07 6.79 25.42
C LYS A 482 -8.85 7.08 26.71
N SER A 483 -9.09 8.35 27.02
CA SER A 483 -9.65 8.68 28.30
C SER A 483 -11.11 8.23 28.37
N THR A 484 -11.58 7.86 29.56
CA THR A 484 -12.98 7.55 29.76
C THR A 484 -13.92 8.69 29.30
N ILE A 485 -13.52 9.92 29.60
CA ILE A 485 -14.34 11.08 29.28
C ILE A 485 -14.44 11.30 27.77
N PHE A 486 -13.35 11.08 27.04
CA PHE A 486 -13.48 11.21 25.59
C PHE A 486 -14.45 10.17 25.05
N LYS A 487 -14.37 8.93 25.55
CA LYS A 487 -15.25 7.91 25.03
C LYS A 487 -16.70 8.20 25.41
N LYS A 488 -16.88 8.93 26.51
CA LYS A 488 -18.20 9.37 26.89
C LYS A 488 -18.74 10.40 25.89
N TYR A 489 -17.89 11.33 25.48
CA TYR A 489 -18.26 12.30 24.47
C TYR A 489 -18.59 11.62 23.13
N LEU A 490 -17.80 10.61 22.78
CA LEU A 490 -18.04 9.84 21.56
C LEU A 490 -19.40 9.16 21.60
N ALA A 491 -19.72 8.56 22.74
CA ALA A 491 -21.01 7.90 22.93
C ALA A 491 -22.15 8.90 22.84
N LEU A 492 -21.89 10.10 23.33
CA LEU A 492 -22.86 11.18 23.23
C LEU A 492 -23.13 11.56 21.79
N LEU A 493 -22.07 11.71 21.00
CA LEU A 493 -22.25 12.10 19.62
C LEU A 493 -23.01 11.03 18.82
N THR A 494 -22.80 9.77 19.17
CA THR A 494 -23.19 8.65 18.31
C THR A 494 -24.38 7.85 18.81
N SER A 495 -24.72 8.04 20.09
CA SER A 495 -25.66 7.18 20.82
C SER A 495 -25.23 5.73 20.79
N LEU A 496 -23.93 5.50 20.67
CA LEU A 496 -23.35 4.16 20.70
C LEU A 496 -22.46 4.00 21.92
N CYS A 497 -22.40 2.80 22.47
CA CYS A 497 -21.55 2.52 23.61
C CYS A 497 -20.30 1.73 23.22
N PRO A 498 -19.11 2.38 23.22
CA PRO A 498 -17.87 1.65 22.95
C PRO A 498 -17.61 0.54 23.95
N VAL A 499 -17.15 -0.62 23.51
CA VAL A 499 -16.84 -1.71 24.42
C VAL A 499 -15.42 -2.24 24.22
N SER A 500 -14.73 -1.71 23.21
CA SER A 500 -13.32 -2.06 22.96
C SER A 500 -12.64 -0.88 22.28
N GLU A 501 -11.31 -0.90 22.21
CA GLU A 501 -10.59 0.16 21.53
C GLU A 501 -9.24 -0.32 20.99
N GLN A 502 -8.83 0.31 19.88
CA GLN A 502 -7.44 0.28 19.42
C GLN A 502 -7.11 1.67 18.86
N ILE A 503 -6.01 2.22 19.36
CA ILE A 503 -5.50 3.52 18.93
C ILE A 503 -4.08 3.37 18.41
N LEU A 504 -3.83 3.96 17.24
CA LEU A 504 -2.53 3.97 16.57
C LEU A 504 -2.21 5.38 16.08
N ILE A 505 -0.96 5.81 16.27
CA ILE A 505 -0.46 7.01 15.62
C ILE A 505 0.27 6.55 14.35
N ARG A 506 -0.01 7.18 13.21
CA ARG A 506 0.51 6.74 11.92
C ARG A 506 1.21 7.86 11.19
N ARG A 507 2.30 7.49 10.52
CA ARG A 507 3.02 8.36 9.61
C ARG A 507 3.23 7.63 8.27
N PHE A 508 2.77 8.27 7.20
CA PHE A 508 2.86 7.74 5.84
C PHE A 508 3.88 8.57 5.05
N ARG A 509 5.05 7.99 4.82
CA ARG A 509 6.17 8.70 4.20
C ARG A 509 6.00 8.80 2.69
N PRO A 510 6.33 9.98 2.12
CA PRO A 510 6.35 10.13 0.67
C PRO A 510 7.20 9.07 0.00
N GLY A 511 6.63 8.46 -1.03
CA GLY A 511 7.34 7.49 -1.83
C GLY A 511 7.49 6.10 -1.24
N MET A 512 6.88 5.87 -0.07
CA MET A 512 6.97 4.57 0.60
C MET A 512 5.66 3.97 1.05
N ASP A 513 4.75 4.80 1.56
CA ASP A 513 3.69 4.29 2.45
C ASP A 513 2.28 4.40 1.92
N PHE A 514 1.45 3.44 2.35
CA PHE A 514 0.12 3.19 1.77
C PHE A 514 -0.60 2.13 2.58
N THR A 515 -1.92 2.01 2.39
CA THR A 515 -2.64 0.78 2.72
C THR A 515 -3.50 0.42 1.51
N LEU A 516 -3.96 -0.83 1.49
CA LEU A 516 -4.84 -1.34 0.44
C LEU A 516 -6.25 -1.55 0.96
N ALA A 517 -7.20 -1.64 0.05
CA ALA A 517 -8.62 -1.72 0.37
C ALA A 517 -8.99 -3.00 1.14
N THR A 518 -9.44 -2.82 2.37
CA THR A 518 -9.85 -3.93 3.21
C THR A 518 -11.11 -3.60 3.97
N LYS A 519 -11.81 -4.64 4.43
CA LYS A 519 -12.98 -4.52 5.26
C LYS A 519 -12.58 -4.50 6.72
N CYS A 520 -13.47 -4.09 7.60
CA CYS A 520 -13.22 -4.19 9.02
C CYS A 520 -13.15 -5.67 9.43
N ARG A 521 -12.55 -5.92 10.60
CA ARG A 521 -12.42 -7.26 11.14
C ARG A 521 -13.23 -7.35 12.41
N PHE A 522 -14.33 -8.07 12.36
CA PHE A 522 -15.17 -8.25 13.52
C PHE A 522 -14.41 -9.01 14.61
N ASN A 523 -14.72 -8.70 15.85
CA ASN A 523 -14.19 -9.41 17.00
C ASN A 523 -14.92 -10.74 17.16
N GLU A 524 -14.25 -11.86 16.87
CA GLU A 524 -14.92 -13.15 16.78
C GLU A 524 -15.62 -13.52 18.09
N LEU A 525 -14.99 -13.23 19.21
CA LEU A 525 -15.57 -13.58 20.52
C LEU A 525 -16.89 -12.86 20.80
N LEU A 526 -17.09 -11.72 20.15
CA LEU A 526 -18.25 -10.90 20.42
C LEU A 526 -19.38 -11.14 19.41
N LYS A 527 -19.14 -12.04 18.46
CA LYS A 527 -20.05 -12.21 17.32
C LYS A 527 -21.44 -12.61 17.75
N SER A 528 -21.52 -13.37 18.84
CA SER A 528 -22.78 -13.93 19.31
C SER A 528 -23.47 -13.03 20.32
N ASN A 529 -22.82 -11.92 20.67
CA ASN A 529 -23.44 -10.98 21.57
C ASN A 529 -24.47 -10.12 20.82
N PRO A 530 -25.77 -10.24 21.19
CA PRO A 530 -26.82 -9.58 20.42
C PRO A 530 -26.77 -8.07 20.53
N ASP A 531 -26.30 -7.59 21.67
CA ASP A 531 -26.24 -6.16 21.96
C ASP A 531 -25.12 -5.48 21.16
N ILE A 532 -24.11 -6.23 20.75
CA ILE A 532 -22.99 -5.64 20.00
C ILE A 532 -23.32 -5.57 18.51
N ILE A 533 -23.22 -4.34 17.99
CA ILE A 533 -23.58 -4.02 16.61
C ILE A 533 -22.63 -4.70 15.62
N ASP A 534 -23.17 -5.19 14.50
CA ASP A 534 -22.34 -5.79 13.46
C ASP A 534 -21.70 -4.70 12.63
N ALA A 535 -20.79 -3.99 13.28
CA ALA A 535 -20.06 -2.89 12.68
C ALA A 535 -18.87 -2.57 13.55
N VAL A 536 -17.94 -1.82 12.96
CA VAL A 536 -16.84 -1.26 13.72
C VAL A 536 -16.89 0.25 13.52
N LEU A 537 -16.82 0.97 14.62
CA LEU A 537 -16.75 2.41 14.59
C LEU A 537 -15.30 2.80 14.45
N GLU A 538 -15.02 3.63 13.48
CA GLU A 538 -13.64 3.98 13.15
C GLU A 538 -13.41 5.49 13.00
N GLY A 539 -12.40 6.01 13.69
CA GLY A 539 -12.10 7.43 13.64
C GLY A 539 -10.71 7.68 13.10
N THR A 540 -10.55 8.83 12.47
CA THR A 540 -9.25 9.26 11.92
C THR A 540 -9.08 10.74 12.14
N LEU A 541 -8.02 11.10 12.87
CA LEU A 541 -7.70 12.50 13.14
C LEU A 541 -6.48 12.82 12.29
N CYS A 542 -6.69 13.60 11.24
CA CYS A 542 -5.61 13.90 10.32
C CYS A 542 -4.85 15.15 10.78
N LEU A 543 -3.54 15.01 10.84
CA LEU A 543 -2.65 16.10 11.22
C LEU A 543 -1.54 16.29 10.19
N THR A 544 -1.95 16.56 8.96
CA THR A 544 -1.01 16.72 7.86
C THR A 544 -0.91 18.21 7.54
N PRO A 545 0.26 18.81 7.78
CA PRO A 545 0.34 20.29 7.74
C PRO A 545 0.76 20.90 6.40
N SER A 546 1.09 20.08 5.43
CA SER A 546 1.59 20.54 4.13
C SER A 546 0.46 20.83 3.14
N ALA A 547 0.80 21.57 2.09
CA ALA A 547 -0.15 21.91 1.04
C ALA A 547 -0.02 21.02 -0.21
N GLY A 548 -0.96 21.19 -1.15
CA GLY A 548 -0.86 20.57 -2.46
C GLY A 548 -1.61 19.27 -2.65
N TRP A 549 -2.37 18.85 -1.64
CA TRP A 549 -3.04 17.54 -1.64
C TRP A 549 -4.43 17.48 -2.29
N GLU A 550 -5.03 18.62 -2.55
CA GLU A 550 -6.48 18.68 -2.80
C GLU A 550 -6.96 17.84 -3.98
N SER A 551 -6.17 17.79 -5.04
CA SER A 551 -6.58 17.07 -6.25
C SER A 551 -6.57 15.55 -6.07
N GLY A 552 -5.93 15.07 -5.02
CA GLY A 552 -5.72 13.63 -4.85
C GLY A 552 -4.46 13.16 -5.57
N GLU A 553 -3.85 14.04 -6.36
CA GLU A 553 -2.69 13.68 -7.19
C GLU A 553 -1.45 13.29 -6.40
N LEU A 554 -1.32 13.82 -5.18
CA LEU A 554 -0.18 13.44 -4.33
C LEU A 554 -0.47 12.20 -3.49
N GLY A 555 -1.67 11.65 -3.63
CA GLY A 555 -2.08 10.52 -2.83
C GLY A 555 -2.42 10.90 -1.40
N GLY A 556 -2.29 9.93 -0.50
CA GLY A 556 -2.55 10.12 0.91
C GLY A 556 -4.00 10.27 1.30
N TYR A 557 -4.92 10.23 0.33
CA TYR A 557 -6.34 10.36 0.64
C TYR A 557 -6.88 9.14 1.33
N GLU A 558 -7.78 9.39 2.28
CA GLU A 558 -8.55 8.37 2.95
C GLU A 558 -9.80 8.08 2.11
N LEU A 559 -9.96 6.83 1.72
CA LEU A 559 -11.01 6.42 0.81
C LEU A 559 -11.88 5.38 1.49
N TYR A 560 -13.16 5.69 1.72
CA TYR A 560 -14.17 4.72 2.11
C TYR A 560 -15.15 4.50 0.96
N MET A 561 -15.40 3.23 0.63
CA MET A 561 -16.28 2.91 -0.49
C MET A 561 -17.04 1.63 -0.19
N MET A 562 -18.22 1.49 -0.80
CA MET A 562 -19.00 0.28 -0.64
C MET A 562 -18.49 -0.80 -1.59
N ASP A 563 -18.68 -2.05 -1.20
CA ASP A 563 -18.17 -3.18 -1.95
C ASP A 563 -19.17 -3.61 -3.03
N SER A 590 -20.44 5.15 -5.56
CA SER A 590 -20.16 4.09 -4.57
C SER A 590 -19.11 4.52 -3.54
N VAL A 591 -18.50 5.67 -3.75
CA VAL A 591 -17.54 6.21 -2.80
C VAL A 591 -18.25 7.00 -1.73
N LEU A 592 -17.98 6.68 -0.47
CA LEU A 592 -18.57 7.36 0.68
C LEU A 592 -17.77 8.58 1.10
N ILE A 593 -16.46 8.40 1.17
CA ILE A 593 -15.54 9.44 1.59
C ILE A 593 -14.29 9.34 0.75
N ASN A 594 -13.84 10.49 0.25
CA ASN A 594 -12.55 10.61 -0.40
C ASN A 594 -11.93 11.91 0.07
N ASP A 595 -11.11 11.82 1.11
CA ASP A 595 -10.54 12.99 1.77
C ASP A 595 -9.03 13.04 1.68
N PRO A 596 -8.50 13.95 0.87
CA PRO A 596 -7.04 14.13 0.90
C PRO A 596 -6.58 14.58 2.27
N PRO A 597 -5.30 14.39 2.61
CA PRO A 597 -4.80 14.84 3.91
C PRO A 597 -5.06 16.33 4.13
N ALA A 598 -5.40 16.68 5.35
CA ALA A 598 -5.67 18.05 5.71
C ALA A 598 -5.23 18.22 7.15
N TRP A 599 -5.26 19.44 7.65
CA TRP A 599 -4.82 19.71 8.99
C TRP A 599 -6.00 19.75 9.96
N ASN A 600 -5.95 18.92 11.00
CA ASN A 600 -6.85 18.98 12.15
C ASN A 600 -8.32 18.69 11.76
N THR A 601 -8.52 17.57 11.11
CA THR A 601 -9.85 17.09 10.73
C THR A 601 -10.11 15.79 11.44
N PHE A 602 -11.37 15.51 11.74
CA PHE A 602 -11.72 14.24 12.37
C PHE A 602 -12.85 13.57 11.59
N ASN A 603 -12.57 12.37 11.08
CA ASN A 603 -13.55 11.58 10.34
C ASN A 603 -13.98 10.42 11.20
N LEU A 604 -15.27 10.14 11.23
CA LEU A 604 -15.80 9.06 12.05
C LEU A 604 -16.78 8.28 11.19
N VAL A 605 -16.58 6.98 11.07
CA VAL A 605 -17.42 6.15 10.22
C VAL A 605 -17.85 4.89 10.94
N LEU A 606 -19.15 4.63 10.94
CA LEU A 606 -19.65 3.33 11.39
C LEU A 606 -19.65 2.34 10.21
N ARG A 607 -18.64 1.46 10.19
CA ARG A 607 -18.45 0.51 9.08
C ARG A 607 -19.22 -0.79 9.26
N ASP A 608 -20.08 -1.12 8.32
CA ASP A 608 -20.66 -2.45 8.31
C ASP A 608 -19.63 -3.38 7.67
N GLU A 609 -20.00 -4.65 7.58
CA GLU A 609 -19.10 -5.70 7.19
C GLU A 609 -18.46 -5.53 5.82
N SER A 610 -19.11 -4.80 4.92
CA SER A 610 -18.72 -4.76 3.52
C SER A 610 -17.99 -3.49 3.09
N VAL A 611 -18.04 -2.44 3.89
CA VAL A 611 -17.35 -1.20 3.56
C VAL A 611 -15.84 -1.38 3.46
N LEU A 612 -15.26 -0.91 2.35
CA LEU A 612 -13.81 -0.95 2.16
C LEU A 612 -13.17 0.39 2.47
N GLU A 613 -11.96 0.34 3.01
CA GLU A 613 -11.20 1.54 3.36
C GLU A 613 -9.73 1.38 3.00
N PHE A 614 -9.10 2.47 2.61
CA PHE A 614 -7.65 2.54 2.51
C PHE A 614 -7.15 3.98 2.49
N VAL A 615 -5.84 4.11 2.72
CA VAL A 615 -5.11 5.35 2.55
C VAL A 615 -4.23 5.17 1.34
N LYS A 616 -4.44 6.01 0.32
CA LYS A 616 -3.71 5.88 -0.91
C LYS A 616 -2.22 6.18 -0.73
N TYR A 617 -1.40 5.38 -1.39
CA TYR A 617 0.03 5.61 -1.51
C TYR A 617 0.39 7.09 -1.64
N VAL A 618 1.35 7.53 -0.82
CA VAL A 618 1.79 8.91 -0.82
C VAL A 618 2.93 9.12 -1.81
N SER A 619 2.71 10.00 -2.77
CA SER A 619 3.71 10.28 -3.79
C SER A 619 5.02 10.81 -3.21
N TRP A 620 6.10 10.42 -3.85
CA TRP A 620 7.43 10.95 -3.61
C TRP A 620 7.44 12.48 -3.67
N SER A 621 6.52 13.03 -4.45
CA SER A 621 6.42 14.47 -4.66
C SER A 621 5.72 15.22 -3.52
N ALA A 622 5.14 14.51 -2.56
CA ALA A 622 4.44 15.18 -1.46
C ALA A 622 5.44 15.97 -0.62
N LYS A 623 4.95 17.05 0.01
CA LYS A 623 5.80 17.97 0.77
C LYS A 623 5.98 17.58 2.23
N SER A 624 5.25 16.56 2.67
CA SER A 624 5.44 15.99 3.99
C SER A 624 4.82 14.61 4.00
N SER A 625 5.03 13.88 5.09
CA SER A 625 4.26 12.67 5.36
C SER A 625 2.82 13.02 5.64
N ARG A 626 1.93 12.05 5.46
CA ARG A 626 0.61 12.11 6.06
C ARG A 626 0.76 11.64 7.52
N TRP A 627 0.33 12.46 8.46
CA TRP A 627 0.33 12.12 9.89
C TRP A 627 -1.12 12.02 10.35
N ASP A 628 -1.47 10.96 11.08
CA ASP A 628 -2.81 10.86 11.62
C ASP A 628 -2.86 9.97 12.85
N VAL A 629 -4.03 9.97 13.49
CA VAL A 629 -4.33 9.10 14.60
C VAL A 629 -5.57 8.32 14.21
N LYS A 630 -5.43 7.01 14.25
CA LYS A 630 -6.45 6.06 13.87
C LYS A 630 -7.02 5.37 15.09
N MET A 631 -8.34 5.31 15.16
CA MET A 631 -9.06 4.78 16.32
C MET A 631 -10.15 3.84 15.88
N LYS A 632 -10.24 2.68 16.51
CA LYS A 632 -11.32 1.73 16.21
C LYS A 632 -11.96 1.19 17.48
N TRP A 633 -13.29 1.05 17.45
CA TRP A 633 -14.08 0.57 18.58
C TRP A 633 -15.20 -0.38 18.16
N ASP A 634 -15.33 -1.48 18.90
CA ASP A 634 -16.59 -2.24 18.88
C ASP A 634 -17.60 -1.44 19.69
N VAL A 635 -18.86 -1.55 19.29
CA VAL A 635 -19.92 -0.76 19.88
C VAL A 635 -21.16 -1.60 20.15
N LYS A 636 -21.89 -1.23 21.19
CA LYS A 636 -23.20 -1.83 21.41
C LYS A 636 -24.24 -0.71 21.44
N SER A 637 -25.48 -1.04 21.13
CA SER A 637 -26.57 -0.08 21.19
C SER A 637 -27.16 -0.09 22.59
N CYS A 638 -27.33 1.09 23.16
CA CYS A 638 -27.90 1.23 24.50
C CYS A 638 -29.25 1.95 24.44
#